data_1HP1
#
_entry.id   1HP1
#
_cell.length_a   83.700
_cell.length_b   83.700
_cell.length_c   181.800
_cell.angle_alpha   90.00
_cell.angle_beta   90.00
_cell.angle_gamma   90.00
#
_symmetry.space_group_name_H-M   'P 41 21 2'
#
loop_
_entity.id
_entity.type
_entity.pdbx_description
1 polymer "5'-NUCLEOTIDASE"
2 non-polymer 'ZINC ION'
3 non-polymer 'CARBONATE ION'
4 non-polymer 'SULFATE ION'
5 non-polymer "ADENOSINE-5'-TRIPHOSPHATE"
6 water water
#
_entity_poly.entity_id   1
_entity_poly.type   'polypeptide(L)'
_entity_poly.pdbx_seq_one_letter_code
;YEQDKTYKITVLHTNDHHGHFWRNEYGEYGLAAQKTLVDGIRKEVAAEGGSVLLLSGGDINTGVPESDLQDAEPDFRGMN
LVGYDAMAIGNHEFDNPLTVLRQQEKWAKFPLLSANIYQKSTGERLFKPWALFKRQDLKIAVIGLTTDDTAKIGNPEYFT
DIEFRKPADEAKLVIQELQQTEKPDIIIAATHMGHYDNGEHGSNAPGDVEMARALPAGSLAMIVGGHSQDPVCMAAENKK
QVDYVPGTPCKPDQQNGIWIVQAHEWGKYVGRADFEFRNGEMKMVNYQLIPVNLKKKRVLYTPEIAENQQMISLLSPFQN
KGKAQLEVKIGETNGRLEGDRDKVRFVQTNMGRLILAAQMDRTGADFAVMSGGGIRDSIEAGDISYKNVLKVQPFGNVVV
YADMTGKEVIDYLTAVAQMKPDSGAYPQFANVSFVAKDGKLNDLKIKGEPVDPAKTYRMATLNFNATGGDGYPRLDNKPG
YVNTGFIDAEVLKAYIQKSSPLDVSVYEPKGEVSWQ
;
_entity_poly.pdbx_strand_id   A
#
# COMPACT_ATOMS: atom_id res chain seq x y z
N TYR A 1 7.45 35.73 13.17
CA TYR A 1 8.76 35.60 12.50
C TYR A 1 9.43 36.96 12.33
N GLU A 2 10.70 36.92 11.98
CA GLU A 2 11.47 38.15 11.80
C GLU A 2 11.13 38.66 10.40
N GLN A 3 10.71 39.92 10.32
CA GLN A 3 10.36 40.51 9.05
C GLN A 3 11.54 40.50 8.11
N ASP A 4 11.27 40.25 6.83
CA ASP A 4 12.28 40.20 5.79
C ASP A 4 13.36 39.16 5.98
N LYS A 5 13.14 38.24 6.92
CA LYS A 5 14.15 37.20 7.14
C LYS A 5 13.79 36.06 6.20
N THR A 6 14.80 35.45 5.59
CA THR A 6 14.56 34.35 4.68
C THR A 6 14.94 33.06 5.39
N TYR A 7 13.94 32.20 5.58
CA TYR A 7 14.16 30.94 6.24
C TYR A 7 14.26 29.83 5.21
N LYS A 8 15.25 28.99 5.36
CA LYS A 8 15.38 27.88 4.43
C LYS A 8 14.83 26.65 5.15
N ILE A 9 13.85 26.01 4.53
CA ILE A 9 13.24 24.84 5.12
C ILE A 9 13.24 23.69 4.13
N THR A 10 13.76 22.54 4.55
CA THR A 10 13.79 21.38 3.68
C THR A 10 12.83 20.35 4.27
N VAL A 11 11.88 19.93 3.45
CA VAL A 11 10.94 18.90 3.89
C VAL A 11 11.32 17.61 3.15
N LEU A 12 11.64 16.59 3.93
CA LEU A 12 11.97 15.27 3.41
C LEU A 12 10.73 14.41 3.63
N HIS A 13 10.49 13.47 2.72
CA HIS A 13 9.30 12.65 2.94
C HIS A 13 9.39 11.29 2.29
N THR A 14 8.63 10.35 2.85
CA THR A 14 8.51 9.00 2.33
C THR A 14 7.07 8.58 2.60
N ASN A 15 6.68 7.44 2.06
CA ASN A 15 5.31 6.95 2.29
C ASN A 15 5.23 5.49 1.87
N ASP A 16 4.21 4.80 2.39
CA ASP A 16 3.93 3.43 2.00
C ASP A 16 5.15 2.53 2.12
N HIS A 17 5.79 2.67 3.27
CA HIS A 17 6.96 1.90 3.64
C HIS A 17 6.63 0.40 3.63
N HIS A 18 5.45 0.04 4.12
CA HIS A 18 4.98 -1.34 4.09
C HIS A 18 5.95 -2.41 4.53
N GLY A 19 6.50 -2.23 5.72
CA GLY A 19 7.38 -3.23 6.32
C GLY A 19 8.77 -3.39 5.77
N HIS A 20 9.17 -2.50 4.86
CA HIS A 20 10.49 -2.63 4.25
C HIS A 20 11.63 -2.06 5.07
N PHE A 21 11.72 -2.46 6.33
CA PHE A 21 12.81 -1.94 7.17
C PHE A 21 14.20 -2.41 6.72
N TRP A 22 14.25 -3.59 6.11
CA TRP A 22 15.51 -4.18 5.66
C TRP A 22 15.74 -3.97 4.17
N ARG A 23 17.01 -3.97 3.77
CA ARG A 23 17.34 -3.86 2.36
C ARG A 23 16.77 -5.11 1.64
N ASN A 24 16.55 -4.98 0.34
CA ASN A 24 16.04 -6.12 -0.40
C ASN A 24 17.19 -7.03 -0.87
N GLU A 25 16.85 -8.10 -1.59
CA GLU A 25 17.85 -9.06 -2.05
C GLU A 25 18.93 -8.49 -2.94
N TYR A 26 18.69 -7.33 -3.53
CA TYR A 26 19.68 -6.69 -4.40
C TYR A 26 20.37 -5.52 -3.76
N GLY A 27 20.21 -5.42 -2.43
CA GLY A 27 20.85 -4.34 -1.69
C GLY A 27 20.18 -2.99 -1.86
N GLU A 28 18.91 -2.98 -2.27
CA GLU A 28 18.19 -1.72 -2.47
C GLU A 28 17.43 -1.33 -1.21
N TYR A 29 17.24 -0.04 -1.06
CA TYR A 29 16.49 0.55 0.06
C TYR A 29 16.81 0.01 1.46
N GLY A 30 15.84 0.02 2.36
CA GLY A 30 16.07 -0.38 3.74
C GLY A 30 16.25 0.89 4.58
N LEU A 31 15.99 0.82 5.87
CA LEU A 31 16.12 2.01 6.69
C LEU A 31 17.55 2.34 7.08
N ALA A 32 18.46 1.37 6.99
CA ALA A 32 19.87 1.65 7.36
C ALA A 32 20.47 2.62 6.35
N ALA A 33 20.19 2.43 5.06
CA ALA A 33 20.68 3.35 4.04
C ALA A 33 19.87 4.64 4.15
N GLN A 34 18.58 4.55 4.44
CA GLN A 34 17.77 5.76 4.59
C GLN A 34 18.35 6.66 5.69
N LYS A 35 18.77 6.04 6.78
CA LYS A 35 19.35 6.77 7.90
C LYS A 35 20.60 7.53 7.46
N THR A 36 21.47 6.87 6.72
CA THR A 36 22.69 7.53 6.26
C THR A 36 22.34 8.72 5.41
N LEU A 37 21.40 8.56 4.49
CA LEU A 37 21.01 9.65 3.61
C LEU A 37 20.40 10.82 4.39
N VAL A 38 19.42 10.54 5.24
CA VAL A 38 18.77 11.62 5.98
C VAL A 38 19.78 12.32 6.90
N ASP A 39 20.65 11.56 7.57
CA ASP A 39 21.68 12.17 8.43
C ASP A 39 22.50 13.13 7.59
N GLY A 40 22.86 12.69 6.38
CA GLY A 40 23.68 13.54 5.52
C GLY A 40 22.97 14.80 5.07
N ILE A 41 21.69 14.70 4.76
CA ILE A 41 20.94 15.88 4.35
C ILE A 41 20.81 16.82 5.55
N ARG A 42 20.54 16.29 6.74
CA ARG A 42 20.47 17.18 7.91
C ARG A 42 21.78 17.94 8.08
N LYS A 43 22.89 17.24 7.88
CA LYS A 43 24.21 17.88 8.01
C LYS A 43 24.36 18.99 6.99
N GLU A 44 23.97 18.71 5.75
CA GLU A 44 24.06 19.70 4.69
C GLU A 44 23.22 20.93 5.02
N VAL A 45 21.97 20.70 5.41
CA VAL A 45 21.07 21.79 5.74
C VAL A 45 21.53 22.57 6.96
N ALA A 46 22.07 21.86 7.96
CA ALA A 46 22.53 22.53 9.17
C ALA A 46 23.67 23.48 8.82
N ALA A 47 24.53 23.04 7.90
CA ALA A 47 25.67 23.88 7.50
C ALA A 47 25.21 25.12 6.74
N GLU A 48 24.05 25.06 6.09
CA GLU A 48 23.49 26.19 5.34
C GLU A 48 22.59 27.05 6.24
N GLY A 49 22.40 26.63 7.48
CA GLY A 49 21.56 27.38 8.41
C GLY A 49 20.06 27.18 8.24
N GLY A 50 19.68 26.11 7.55
CA GLY A 50 18.28 25.82 7.33
C GLY A 50 17.70 24.86 8.36
N SER A 51 16.46 24.43 8.12
CA SER A 51 15.76 23.50 9.02
C SER A 51 15.27 22.30 8.22
N VAL A 52 15.09 21.18 8.88
CA VAL A 52 14.61 19.98 8.19
C VAL A 52 13.37 19.44 8.90
N LEU A 53 12.41 18.99 8.12
CA LEU A 53 11.23 18.35 8.68
C LEU A 53 11.14 17.06 7.88
N LEU A 54 10.99 15.90 8.53
CA LEU A 54 10.89 14.62 7.81
C LEU A 54 9.48 14.07 8.07
N LEU A 55 8.71 13.86 7.02
CA LEU A 55 7.33 13.42 7.20
C LEU A 55 7.05 12.15 6.46
N SER A 56 6.11 11.36 6.99
CA SER A 56 5.71 10.14 6.32
C SER A 56 4.22 10.18 5.93
N GLY A 57 3.92 9.69 4.72
CA GLY A 57 2.55 9.63 4.27
C GLY A 57 1.82 8.38 4.79
N GLY A 58 2.45 7.63 5.68
CA GLY A 58 1.76 6.48 6.26
C GLY A 58 1.87 5.15 5.57
N ASP A 59 1.15 4.16 6.08
CA ASP A 59 1.20 2.77 5.59
C ASP A 59 2.57 2.20 5.88
N ILE A 60 2.91 2.18 7.17
CA ILE A 60 4.18 1.62 7.61
C ILE A 60 3.94 0.13 7.71
N ASN A 61 2.71 -0.24 8.11
CA ASN A 61 2.34 -1.64 8.26
C ASN A 61 2.07 -2.39 6.96
N THR A 62 2.40 -3.67 7.04
CA THR A 62 2.04 -4.69 6.09
C THR A 62 2.69 -4.80 4.76
N GLY A 63 3.39 -5.90 4.55
CA GLY A 63 4.02 -6.08 3.25
C GLY A 63 5.30 -6.91 3.24
N VAL A 64 5.87 -7.23 4.42
CA VAL A 64 7.11 -8.03 4.45
C VAL A 64 6.98 -8.92 5.65
N PRO A 65 7.11 -10.24 5.45
CA PRO A 65 6.95 -11.15 6.57
C PRO A 65 7.69 -10.80 7.86
N GLU A 66 8.98 -10.50 7.77
CA GLU A 66 9.71 -10.23 9.00
C GLU A 66 9.16 -9.04 9.78
N SER A 67 8.55 -8.09 9.06
CA SER A 67 7.93 -6.94 9.71
C SER A 67 6.53 -7.31 10.24
N ASP A 68 5.71 -7.87 9.36
CA ASP A 68 4.33 -8.24 9.71
C ASP A 68 4.26 -9.12 10.94
N LEU A 69 5.16 -10.11 10.98
CA LEU A 69 5.16 -11.07 12.09
C LEU A 69 5.50 -10.42 13.42
N GLN A 70 6.04 -9.21 13.36
CA GLN A 70 6.40 -8.48 14.57
C GLN A 70 5.67 -7.15 14.66
N ASP A 71 4.52 -7.08 13.99
CA ASP A 71 3.68 -5.88 14.02
C ASP A 71 4.44 -4.59 13.70
N ALA A 72 5.37 -4.68 12.77
CA ALA A 72 6.14 -3.52 12.32
C ALA A 72 6.97 -2.82 13.39
N GLU A 73 7.27 -3.53 14.47
CA GLU A 73 8.10 -2.93 15.50
C GLU A 73 9.44 -2.45 14.92
N PRO A 74 10.14 -3.26 14.11
CA PRO A 74 11.42 -2.81 13.55
C PRO A 74 11.26 -1.54 12.73
N ASP A 75 10.16 -1.45 11.99
CA ASP A 75 9.94 -0.28 11.16
C ASP A 75 9.75 0.99 11.98
N PHE A 76 8.93 0.93 13.03
CA PHE A 76 8.71 2.12 13.83
C PHE A 76 9.97 2.50 14.60
N ARG A 77 10.68 1.52 15.15
CA ARG A 77 11.91 1.84 15.86
C ARG A 77 12.94 2.39 14.87
N GLY A 78 13.01 1.83 13.67
CA GLY A 78 13.94 2.36 12.69
C GLY A 78 13.55 3.79 12.34
N MET A 79 12.25 4.04 12.19
CA MET A 79 11.83 5.40 11.88
C MET A 79 12.24 6.37 13.00
N ASN A 80 12.22 5.91 14.24
CA ASN A 80 12.68 6.76 15.35
C ASN A 80 14.14 7.16 15.12
N LEU A 81 14.96 6.20 14.69
CA LEU A 81 16.37 6.46 14.50
C LEU A 81 16.65 7.32 13.28
N VAL A 82 15.85 7.17 12.22
CA VAL A 82 16.02 8.05 11.05
C VAL A 82 15.59 9.46 11.49
N GLY A 83 14.68 9.49 12.46
CA GLY A 83 14.20 10.75 13.00
C GLY A 83 12.99 11.38 12.35
N TYR A 84 11.98 10.58 12.08
CA TYR A 84 10.77 11.15 11.52
C TYR A 84 10.15 12.13 12.51
N ASP A 85 9.58 13.20 11.97
CA ASP A 85 8.90 14.20 12.82
C ASP A 85 7.41 13.95 12.97
N ALA A 86 6.80 13.32 11.96
CA ALA A 86 5.35 13.03 12.06
C ALA A 86 4.96 12.12 10.89
N MET A 87 3.83 11.44 11.05
CA MET A 87 3.35 10.56 9.98
C MET A 87 1.84 10.63 9.93
N ALA A 88 1.29 10.53 8.73
CA ALA A 88 -0.15 10.46 8.57
C ALA A 88 -0.50 8.99 8.78
N ILE A 89 -1.64 8.74 9.40
CA ILE A 89 -2.11 7.37 9.57
C ILE A 89 -2.63 6.87 8.22
N GLY A 90 -2.14 5.71 7.81
CA GLY A 90 -2.58 5.11 6.56
C GLY A 90 -3.65 4.06 6.76
N ASN A 91 -4.30 3.62 5.67
CA ASN A 91 -5.31 2.59 5.86
C ASN A 91 -4.75 1.28 6.40
N HIS A 92 -3.50 0.94 6.05
CA HIS A 92 -2.96 -0.31 6.57
C HIS A 92 -2.60 -0.27 8.05
N GLU A 93 -2.66 0.92 8.66
CA GLU A 93 -2.42 0.99 10.08
C GLU A 93 -3.61 0.35 10.80
N PHE A 94 -4.68 0.06 10.04
CA PHE A 94 -5.84 -0.61 10.64
C PHE A 94 -5.93 -2.08 10.27
N ASP A 95 -4.83 -2.63 9.76
CA ASP A 95 -4.81 -4.06 9.43
C ASP A 95 -4.73 -4.88 10.71
N ASN A 96 -4.23 -4.26 11.77
CA ASN A 96 -4.08 -4.92 13.04
C ASN A 96 -5.11 -4.31 13.98
N PRO A 97 -5.39 -4.99 15.09
CA PRO A 97 -6.36 -4.49 16.07
C PRO A 97 -5.91 -3.14 16.60
N LEU A 98 -6.84 -2.35 17.13
CA LEU A 98 -6.47 -1.05 17.66
C LEU A 98 -5.40 -1.17 18.76
N THR A 99 -5.38 -2.30 19.48
CA THR A 99 -4.37 -2.48 20.52
C THR A 99 -2.97 -2.40 19.92
N VAL A 100 -2.82 -2.93 18.72
CA VAL A 100 -1.50 -2.93 18.06
C VAL A 100 -1.17 -1.54 17.57
N LEU A 101 -2.15 -0.81 17.05
CA LEU A 101 -1.87 0.55 16.59
C LEU A 101 -1.51 1.42 17.81
N ARG A 102 -2.17 1.17 18.95
CA ARG A 102 -1.84 1.98 20.11
C ARG A 102 -0.40 1.66 20.58
N GLN A 103 0.02 0.40 20.41
CA GLN A 103 1.38 -0.04 20.77
C GLN A 103 2.37 0.65 19.82
N GLN A 104 2.00 0.76 18.55
CA GLN A 104 2.89 1.42 17.59
C GLN A 104 3.04 2.88 17.92
N GLU A 105 1.98 3.49 18.40
CA GLU A 105 2.03 4.88 18.81
C GLU A 105 3.00 5.00 20.00
N LYS A 106 3.00 4.03 20.89
CA LYS A 106 3.92 4.05 22.03
C LYS A 106 5.37 3.89 21.55
N TRP A 107 5.59 3.04 20.55
CA TRP A 107 6.93 2.84 20.04
C TRP A 107 7.39 4.10 19.33
N ALA A 108 6.51 4.67 18.52
CA ALA A 108 6.89 5.83 17.73
C ALA A 108 7.12 7.09 18.54
N LYS A 109 8.30 7.69 18.37
CA LYS A 109 8.58 8.93 19.10
C LYS A 109 8.04 10.17 18.39
N PHE A 110 7.39 9.97 17.24
CA PHE A 110 6.80 11.04 16.46
C PHE A 110 5.29 10.75 16.43
N PRO A 111 4.48 11.80 16.30
CA PRO A 111 3.03 11.62 16.27
C PRO A 111 2.49 10.91 15.04
N LEU A 112 1.48 10.07 15.27
CA LEU A 112 0.74 9.41 14.18
C LEU A 112 -0.51 10.30 14.16
N LEU A 113 -0.68 11.01 13.07
CA LEU A 113 -1.72 12.00 12.90
C LEU A 113 -2.84 11.66 11.96
N SER A 114 -4.05 12.12 12.30
CA SER A 114 -5.16 12.02 11.39
C SER A 114 -6.28 12.86 11.94
N ALA A 115 -6.71 13.84 11.15
CA ALA A 115 -7.78 14.71 11.63
C ALA A 115 -9.16 14.18 11.34
N ASN A 116 -9.28 13.23 10.44
CA ASN A 116 -10.61 12.81 10.05
C ASN A 116 -11.10 11.46 10.51
N ILE A 117 -10.38 10.84 11.43
CA ILE A 117 -10.82 9.55 11.99
C ILE A 117 -11.54 9.89 13.28
N TYR A 118 -12.81 9.51 13.36
CA TYR A 118 -13.61 9.85 14.55
C TYR A 118 -14.18 8.65 15.27
N GLN A 119 -14.38 8.83 16.58
CA GLN A 119 -15.05 7.81 17.37
C GLN A 119 -16.53 8.12 17.12
N LYS A 120 -17.29 7.14 16.63
CA LYS A 120 -18.68 7.33 16.26
C LYS A 120 -19.59 7.77 17.40
N SER A 121 -19.43 7.10 18.53
CA SER A 121 -20.29 7.35 19.69
C SER A 121 -20.07 8.68 20.39
N THR A 122 -18.93 9.33 20.16
CA THR A 122 -18.68 10.61 20.83
C THR A 122 -18.41 11.76 19.89
N GLY A 123 -18.17 11.46 18.61
CA GLY A 123 -17.89 12.53 17.65
C GLY A 123 -16.56 13.20 17.95
N GLU A 124 -15.68 12.50 18.64
CA GLU A 124 -14.37 13.06 19.00
C GLU A 124 -13.28 12.43 18.15
N ARG A 125 -12.28 13.21 17.74
CA ARG A 125 -11.20 12.60 16.95
C ARG A 125 -10.47 11.55 17.77
N LEU A 126 -10.07 10.48 17.09
CA LEU A 126 -9.37 9.39 17.74
C LEU A 126 -7.89 9.69 17.93
N PHE A 127 -7.31 10.38 16.96
CA PHE A 127 -5.89 10.76 16.99
C PHE A 127 -5.75 12.30 16.97
N LYS A 128 -4.53 12.80 17.06
CA LYS A 128 -4.35 14.24 16.98
C LYS A 128 -4.48 14.66 15.53
N PRO A 129 -5.12 15.80 15.28
CA PRO A 129 -5.30 16.27 13.90
C PRO A 129 -4.06 16.87 13.29
N TRP A 130 -3.15 17.33 14.15
CA TRP A 130 -1.93 17.96 13.68
C TRP A 130 -0.85 17.97 14.75
N ALA A 131 0.36 18.32 14.33
CA ALA A 131 1.46 18.46 15.25
C ALA A 131 2.12 19.80 14.87
N LEU A 132 2.60 20.52 15.87
CA LEU A 132 3.26 21.79 15.64
C LEU A 132 4.77 21.64 15.84
N PHE A 133 5.54 22.31 14.99
CA PHE A 133 7.00 22.23 15.07
C PHE A 133 7.61 23.60 15.06
N LYS A 134 8.57 23.81 15.96
CA LYS A 134 9.28 25.07 15.99
C LYS A 134 10.58 24.86 15.23
N ARG A 135 10.82 25.68 14.23
CA ARG A 135 12.07 25.58 13.47
C ARG A 135 12.47 27.04 13.37
N GLN A 136 13.61 27.35 13.99
CA GLN A 136 14.06 28.71 14.08
C GLN A 136 12.92 29.33 14.91
N ASP A 137 12.33 30.43 14.48
CA ASP A 137 11.24 30.96 15.32
C ASP A 137 9.93 30.87 14.56
N LEU A 138 9.88 29.94 13.60
CA LEU A 138 8.68 29.74 12.81
C LEU A 138 7.87 28.63 13.46
N LYS A 139 6.55 28.67 13.24
CA LYS A 139 5.66 27.63 13.77
C LYS A 139 5.12 26.95 12.52
N ILE A 140 5.41 25.67 12.40
CA ILE A 140 4.98 24.91 11.24
C ILE A 140 4.00 23.86 11.72
N ALA A 141 2.82 23.85 11.13
CA ALA A 141 1.81 22.86 11.50
C ALA A 141 1.78 21.78 10.44
N VAL A 142 1.69 20.52 10.85
CA VAL A 142 1.56 19.42 9.90
C VAL A 142 0.23 18.78 10.25
N ILE A 143 -0.73 18.82 9.34
CA ILE A 143 -2.02 18.17 9.62
C ILE A 143 -1.94 16.74 9.03
N GLY A 144 -2.72 15.80 9.55
CA GLY A 144 -2.71 14.46 8.99
C GLY A 144 -4.10 14.12 8.48
N LEU A 145 -4.20 13.37 7.38
CA LEU A 145 -5.51 12.98 6.84
C LEU A 145 -5.39 11.56 6.32
N THR A 146 -6.47 10.80 6.46
CA THR A 146 -6.49 9.39 6.06
C THR A 146 -7.63 9.13 5.10
N THR A 147 -7.37 8.36 4.05
CA THR A 147 -8.43 8.10 3.09
C THR A 147 -9.70 7.54 3.73
N ASP A 148 -10.85 8.03 3.30
CA ASP A 148 -12.08 7.53 3.87
C ASP A 148 -12.56 6.26 3.19
N ASP A 149 -11.69 5.66 2.38
CA ASP A 149 -12.01 4.32 1.82
C ASP A 149 -11.53 3.28 2.85
N THR A 150 -10.78 3.69 3.87
CA THR A 150 -10.16 2.72 4.79
C THR A 150 -11.06 1.59 5.30
N ALA A 151 -12.23 1.95 5.80
CA ALA A 151 -13.13 0.93 6.36
C ALA A 151 -14.09 0.40 5.34
N LYS A 152 -13.99 0.87 4.11
CA LYS A 152 -14.90 0.48 3.07
C LYS A 152 -14.37 -0.63 2.20
N ILE A 153 -13.06 -0.69 2.04
CA ILE A 153 -12.55 -1.69 1.14
C ILE A 153 -12.28 -3.06 1.68
N GLY A 154 -12.40 -4.02 0.78
CA GLY A 154 -12.15 -5.38 1.15
C GLY A 154 -13.11 -5.89 2.18
N ASN A 155 -12.58 -6.63 3.12
CA ASN A 155 -13.37 -7.21 4.19
C ASN A 155 -12.91 -6.53 5.48
N PRO A 156 -13.61 -5.49 5.91
CA PRO A 156 -13.31 -4.71 7.10
C PRO A 156 -13.40 -5.51 8.38
N GLU A 157 -12.47 -5.21 9.28
CA GLU A 157 -12.37 -5.77 10.63
C GLU A 157 -11.75 -4.58 11.40
N TYR A 158 -11.92 -4.51 12.71
CA TYR A 158 -11.30 -3.48 13.53
C TYR A 158 -11.69 -2.01 13.42
N PHE A 159 -12.94 -1.77 13.13
CA PHE A 159 -13.39 -0.40 13.03
C PHE A 159 -14.51 -0.18 14.02
N THR A 160 -14.48 -0.96 15.10
CA THR A 160 -15.52 -0.79 16.12
C THR A 160 -15.50 0.64 16.66
N ASP A 161 -16.67 1.28 16.59
CA ASP A 161 -16.87 2.65 17.04
C ASP A 161 -15.98 3.66 16.35
N ILE A 162 -15.58 3.37 15.13
CA ILE A 162 -14.70 4.27 14.38
C ILE A 162 -15.28 4.59 13.00
N GLU A 163 -15.16 5.84 12.55
CA GLU A 163 -15.60 6.19 11.20
C GLU A 163 -14.56 7.13 10.60
N PHE A 164 -14.49 7.12 9.28
CA PHE A 164 -13.55 7.99 8.57
C PHE A 164 -14.37 9.04 7.84
N ARG A 165 -14.26 10.30 8.28
CA ARG A 165 -15.00 11.36 7.61
C ARG A 165 -14.26 11.86 6.38
N LYS A 166 -14.96 12.61 5.52
CA LYS A 166 -14.35 13.09 4.29
C LYS A 166 -13.12 13.92 4.60
N PRO A 167 -11.95 13.47 4.12
CA PRO A 167 -10.77 14.27 4.43
C PRO A 167 -10.66 15.69 3.88
N ALA A 168 -11.16 15.97 2.67
CA ALA A 168 -11.06 17.32 2.12
C ALA A 168 -11.90 18.24 2.98
N ASP A 169 -13.08 17.78 3.36
CA ASP A 169 -13.92 18.62 4.23
C ASP A 169 -13.22 18.85 5.56
N GLU A 170 -12.61 17.79 6.10
CA GLU A 170 -11.93 17.93 7.38
C GLU A 170 -10.76 18.89 7.26
N ALA A 171 -10.06 18.84 6.13
CA ALA A 171 -8.91 19.74 5.95
C ALA A 171 -9.41 21.18 6.06
N LYS A 172 -10.55 21.47 5.46
CA LYS A 172 -11.08 22.84 5.55
C LYS A 172 -11.29 23.24 6.99
N LEU A 173 -11.86 22.34 7.78
CA LEU A 173 -12.13 22.62 9.18
C LEU A 173 -10.87 22.81 9.99
N VAL A 174 -9.91 21.94 9.74
CA VAL A 174 -8.66 22.00 10.49
C VAL A 174 -7.82 23.22 10.17
N ILE A 175 -7.75 23.57 8.90
CA ILE A 175 -6.96 24.75 8.54
C ILE A 175 -7.57 25.96 9.25
N GLN A 176 -8.89 26.03 9.25
CA GLN A 176 -9.54 27.15 9.92
C GLN A 176 -9.30 27.09 11.44
N GLU A 177 -9.37 25.91 12.05
CA GLU A 177 -9.12 25.74 13.49
C GLU A 177 -7.72 26.28 13.79
N LEU A 178 -6.76 25.90 12.94
CA LEU A 178 -5.38 26.34 13.14
C LEU A 178 -5.17 27.83 12.99
N GLN A 179 -5.74 28.40 11.94
CA GLN A 179 -5.55 29.84 11.72
C GLN A 179 -6.17 30.64 12.84
N GLN A 180 -7.26 30.13 13.41
CA GLN A 180 -7.95 30.86 14.48
C GLN A 180 -7.39 30.66 15.88
N THR A 181 -6.47 29.73 16.03
CA THR A 181 -5.90 29.45 17.33
C THR A 181 -4.39 29.48 17.41
N GLU A 182 -3.71 28.96 16.38
CA GLU A 182 -2.26 28.89 16.40
C GLU A 182 -1.59 29.81 15.43
N LYS A 183 -2.30 30.14 14.36
CA LYS A 183 -1.79 31.02 13.33
C LYS A 183 -0.41 30.52 12.88
N PRO A 184 -0.34 29.27 12.44
CA PRO A 184 0.97 28.77 12.01
C PRO A 184 1.50 29.53 10.82
N ASP A 185 2.82 29.65 10.76
CA ASP A 185 3.44 30.37 9.63
C ASP A 185 3.33 29.56 8.37
N ILE A 186 3.42 28.24 8.53
CA ILE A 186 3.36 27.30 7.42
C ILE A 186 2.47 26.12 7.80
N ILE A 187 1.67 25.63 6.87
CA ILE A 187 0.85 24.45 7.15
C ILE A 187 1.13 23.45 6.02
N ILE A 188 1.48 22.22 6.40
CA ILE A 188 1.74 21.15 5.44
C ILE A 188 0.77 20.04 5.81
N ALA A 189 0.24 19.32 4.82
CA ALA A 189 -0.65 18.21 5.11
C ALA A 189 0.05 16.91 4.74
N ALA A 190 0.16 15.99 5.69
CA ALA A 190 0.72 14.66 5.43
C ALA A 190 -0.58 13.86 5.21
N THR A 191 -0.75 13.27 4.04
CA THR A 191 -2.00 12.58 3.78
C THR A 191 -1.82 11.19 3.24
N HIS A 192 -2.86 10.38 3.40
CA HIS A 192 -2.78 9.04 2.88
C HIS A 192 -4.04 8.93 2.07
N MET A 193 -4.02 9.58 0.92
CA MET A 193 -5.24 9.72 0.12
C MET A 193 -5.11 9.34 -1.35
N GLY A 194 -3.91 9.50 -1.87
CA GLY A 194 -3.65 9.15 -3.25
C GLY A 194 -3.62 10.29 -4.25
N HIS A 195 -2.71 10.15 -5.20
CA HIS A 195 -2.61 11.12 -6.28
C HIS A 195 -3.19 10.51 -7.54
N TYR A 196 -4.18 11.18 -8.11
CA TYR A 196 -4.80 10.73 -9.35
C TYR A 196 -4.64 11.85 -10.37
N ASP A 197 -4.19 11.50 -11.55
CA ASP A 197 -3.98 12.49 -12.61
C ASP A 197 -5.26 13.34 -12.76
N ASN A 198 -5.12 14.65 -12.70
CA ASN A 198 -6.23 15.58 -12.86
C ASN A 198 -7.44 15.32 -11.95
N GLY A 199 -7.17 14.71 -10.80
CA GLY A 199 -8.21 14.40 -9.86
C GLY A 199 -9.17 13.33 -10.34
N GLU A 200 -8.72 12.50 -11.28
CA GLU A 200 -9.57 11.42 -11.81
C GLU A 200 -9.44 10.18 -10.93
N HIS A 201 -10.07 10.26 -9.76
CA HIS A 201 -10.04 9.20 -8.76
C HIS A 201 -11.00 8.06 -9.05
N GLY A 202 -11.84 8.25 -10.05
CA GLY A 202 -12.79 7.19 -10.37
C GLY A 202 -13.59 6.71 -9.19
N SER A 203 -13.66 5.40 -9.03
CA SER A 203 -14.39 4.76 -7.95
C SER A 203 -13.70 4.88 -6.58
N ASN A 204 -12.45 5.32 -6.58
CA ASN A 204 -11.72 5.47 -5.32
C ASN A 204 -12.18 6.74 -4.66
N ALA A 205 -11.96 6.85 -3.36
CA ALA A 205 -12.34 8.10 -2.68
C ALA A 205 -11.49 9.23 -3.25
N PRO A 206 -12.04 10.46 -3.27
CA PRO A 206 -11.30 11.62 -3.77
C PRO A 206 -9.98 11.70 -3.03
N GLY A 207 -8.92 12.10 -3.74
CA GLY A 207 -7.61 12.20 -3.13
C GLY A 207 -7.02 13.60 -3.06
N ASP A 208 -5.71 13.66 -3.11
CA ASP A 208 -4.97 14.91 -2.96
C ASP A 208 -5.28 16.02 -3.95
N VAL A 209 -5.38 15.66 -5.23
CA VAL A 209 -5.65 16.66 -6.25
C VAL A 209 -7.01 17.32 -6.05
N GLU A 210 -8.05 16.51 -5.88
CA GLU A 210 -9.37 17.10 -5.68
C GLU A 210 -9.36 17.93 -4.41
N MET A 211 -8.69 17.46 -3.36
CA MET A 211 -8.66 18.24 -2.14
C MET A 211 -7.96 19.57 -2.33
N ALA A 212 -6.81 19.56 -2.99
CA ALA A 212 -6.06 20.80 -3.18
C ALA A 212 -6.94 21.82 -3.92
N ARG A 213 -7.68 21.33 -4.91
CA ARG A 213 -8.55 22.21 -5.69
C ARG A 213 -9.72 22.77 -4.90
N ALA A 214 -10.15 22.04 -3.87
CA ALA A 214 -11.28 22.45 -3.05
C ALA A 214 -10.91 23.45 -1.96
N LEU A 215 -9.66 23.42 -1.54
CA LEU A 215 -9.16 24.30 -0.49
C LEU A 215 -8.86 25.68 -1.03
N PRO A 216 -8.67 26.65 -0.11
CA PRO A 216 -8.36 27.99 -0.65
C PRO A 216 -6.98 27.93 -1.30
N ALA A 217 -6.77 28.65 -2.40
CA ALA A 217 -5.49 28.64 -3.08
C ALA A 217 -4.29 28.87 -2.17
N GLY A 218 -3.28 28.01 -2.28
CA GLY A 218 -2.09 28.17 -1.45
C GLY A 218 -2.29 28.05 0.05
N SER A 219 -3.44 27.54 0.49
CA SER A 219 -3.69 27.40 1.91
C SER A 219 -2.76 26.43 2.60
N LEU A 220 -2.17 25.50 1.82
CA LEU A 220 -1.17 24.55 2.35
C LEU A 220 0.08 24.74 1.51
N ALA A 221 1.24 24.65 2.13
CA ALA A 221 2.48 24.78 1.38
C ALA A 221 2.59 23.58 0.44
N MET A 222 2.23 22.43 0.97
CA MET A 222 2.34 21.20 0.21
C MET A 222 1.55 20.10 0.87
N ILE A 223 1.23 19.09 0.07
CA ILE A 223 0.53 17.89 0.54
C ILE A 223 1.59 16.80 0.32
N VAL A 224 2.01 16.15 1.42
CA VAL A 224 2.99 15.03 1.38
C VAL A 224 2.09 13.80 1.40
N GLY A 225 1.94 13.16 0.25
CA GLY A 225 0.97 12.08 0.12
C GLY A 225 1.41 10.63 0.16
N GLY A 226 0.49 9.76 -0.23
CA GLY A 226 0.78 8.33 -0.21
C GLY A 226 -0.42 7.59 -0.75
N HIS A 227 -0.52 6.31 -0.37
CA HIS A 227 -1.63 5.43 -0.72
C HIS A 227 -1.65 4.91 -2.15
N SER A 228 -1.64 5.82 -3.13
CA SER A 228 -1.65 5.37 -4.52
C SER A 228 -0.33 4.72 -4.92
N GLN A 229 0.72 5.00 -4.16
CA GLN A 229 2.06 4.46 -4.33
C GLN A 229 2.68 4.78 -5.67
N ASP A 230 2.93 6.07 -5.84
CA ASP A 230 3.54 6.55 -7.04
C ASP A 230 4.53 7.63 -6.78
N PRO A 231 5.54 7.75 -7.65
CA PRO A 231 6.50 8.84 -7.47
C PRO A 231 5.71 9.93 -8.22
N VAL A 232 5.31 11.01 -7.55
CA VAL A 232 4.57 12.07 -8.26
C VAL A 232 5.58 12.99 -8.92
N CYS A 233 5.84 12.69 -10.19
CA CYS A 233 6.77 13.43 -11.04
C CYS A 233 5.95 13.63 -12.30
N MET A 234 5.66 14.89 -12.65
CA MET A 234 4.80 15.19 -13.78
C MET A 234 5.48 15.22 -15.14
N ALA A 235 4.81 14.66 -16.14
CA ALA A 235 5.33 14.62 -17.52
C ALA A 235 4.74 15.78 -18.30
N ALA A 236 3.52 16.12 -17.93
CA ALA A 236 2.79 17.21 -18.56
C ALA A 236 1.79 17.66 -17.51
N GLU A 237 1.11 18.76 -17.78
CA GLU A 237 0.14 19.25 -16.82
C GLU A 237 -0.87 18.15 -16.56
N ASN A 238 -1.12 17.88 -15.29
CA ASN A 238 -2.06 16.86 -14.88
C ASN A 238 -1.79 15.44 -15.35
N LYS A 239 -0.54 15.14 -15.68
CA LYS A 239 -0.20 13.81 -16.13
C LYS A 239 1.11 13.36 -15.49
N LYS A 240 1.05 12.38 -14.60
CA LYS A 240 2.28 11.88 -14.01
C LYS A 240 3.08 11.11 -15.04
N GLN A 241 4.39 11.13 -14.87
CA GLN A 241 5.25 10.31 -15.70
C GLN A 241 4.85 8.85 -15.47
N VAL A 242 5.00 8.07 -16.53
CA VAL A 242 4.77 6.64 -16.48
C VAL A 242 6.21 6.10 -16.50
N ASP A 243 6.52 5.10 -15.70
CA ASP A 243 7.87 4.56 -15.68
C ASP A 243 8.94 5.59 -15.35
N TYR A 244 8.69 6.37 -14.30
CA TYR A 244 9.66 7.33 -13.85
C TYR A 244 10.99 6.63 -13.55
N VAL A 245 12.10 7.21 -13.99
CA VAL A 245 13.41 6.63 -13.79
C VAL A 245 14.17 7.25 -12.62
N PRO A 246 14.61 6.42 -11.66
CA PRO A 246 15.36 6.94 -10.52
C PRO A 246 16.57 7.76 -10.99
N GLY A 247 16.82 8.85 -10.28
CA GLY A 247 17.96 9.70 -10.59
C GLY A 247 17.67 10.78 -11.62
N THR A 248 16.45 10.81 -12.17
CA THR A 248 16.10 11.83 -13.18
C THR A 248 15.27 12.92 -12.53
N PRO A 249 15.12 14.07 -13.20
CA PRO A 249 14.35 15.18 -12.64
C PRO A 249 12.93 14.76 -12.33
N CYS A 250 12.41 15.34 -11.24
CA CYS A 250 11.05 15.03 -10.81
C CYS A 250 10.38 16.34 -10.51
N LYS A 251 9.37 16.65 -11.31
CA LYS A 251 8.61 17.88 -11.11
C LYS A 251 7.35 17.49 -10.33
N PRO A 252 7.21 17.96 -9.09
CA PRO A 252 6.00 17.60 -8.35
C PRO A 252 4.75 18.26 -8.91
N ASP A 253 3.58 17.80 -8.49
CA ASP A 253 2.36 18.38 -9.01
C ASP A 253 2.10 19.67 -8.24
N GLN A 254 1.42 20.61 -8.87
CA GLN A 254 1.04 21.83 -8.17
C GLN A 254 -0.39 22.05 -8.63
N GLN A 255 -1.28 22.12 -7.64
CA GLN A 255 -2.70 22.29 -7.90
C GLN A 255 -3.25 23.36 -7.01
N ASN A 256 -3.85 24.39 -7.62
CA ASN A 256 -4.43 25.48 -6.84
C ASN A 256 -3.42 26.05 -5.86
N GLY A 257 -2.20 26.24 -6.35
CA GLY A 257 -1.13 26.80 -5.56
C GLY A 257 -0.54 25.92 -4.47
N ILE A 258 -0.93 24.65 -4.46
CA ILE A 258 -0.47 23.71 -3.44
C ILE A 258 0.34 22.59 -4.08
N TRP A 259 1.57 22.42 -3.61
CA TRP A 259 2.42 21.36 -4.16
C TRP A 259 1.95 20.04 -3.64
N ILE A 260 1.95 19.03 -4.49
CA ILE A 260 1.54 17.68 -4.07
C ILE A 260 2.69 16.74 -4.45
N VAL A 261 3.21 16.02 -3.47
CA VAL A 261 4.34 15.13 -3.70
C VAL A 261 4.04 13.74 -3.19
N GLN A 262 4.84 12.77 -3.66
CA GLN A 262 4.70 11.39 -3.18
C GLN A 262 5.98 10.67 -3.59
N ALA A 263 6.50 9.82 -2.69
CA ALA A 263 7.76 9.15 -2.94
C ALA A 263 7.68 7.65 -3.21
N HIS A 264 6.64 7.26 -3.92
CA HIS A 264 6.40 5.90 -4.35
C HIS A 264 6.08 4.93 -3.22
N GLU A 265 7.04 4.14 -2.77
CA GLU A 265 6.74 3.16 -1.73
C GLU A 265 8.04 2.51 -1.25
N TRP A 266 7.93 1.78 -0.13
CA TRP A 266 8.99 0.91 0.37
C TRP A 266 10.34 1.51 0.68
N GLY A 267 10.38 2.81 0.98
CA GLY A 267 11.65 3.44 1.23
C GLY A 267 12.51 3.52 -0.04
N LYS A 268 11.89 3.46 -1.21
CA LYS A 268 12.65 3.50 -2.45
C LYS A 268 13.27 4.87 -2.67
N TYR A 269 12.60 5.89 -2.17
CA TYR A 269 13.12 7.26 -2.31
C TYR A 269 12.88 8.07 -1.07
N VAL A 270 13.71 9.10 -0.89
CA VAL A 270 13.41 10.08 0.14
C VAL A 270 13.19 11.34 -0.73
N GLY A 271 11.98 11.87 -0.70
CA GLY A 271 11.68 13.07 -1.46
C GLY A 271 12.27 14.25 -0.72
N ARG A 272 12.73 15.26 -1.46
CA ARG A 272 13.34 16.44 -0.83
C ARG A 272 12.80 17.69 -1.47
N ALA A 273 12.01 18.45 -0.70
CA ALA A 273 11.43 19.71 -1.20
C ALA A 273 12.11 20.82 -0.42
N ASP A 274 12.88 21.66 -1.12
CA ASP A 274 13.56 22.77 -0.47
C ASP A 274 12.72 24.03 -0.67
N PHE A 275 12.39 24.69 0.43
CA PHE A 275 11.59 25.89 0.43
C PHE A 275 12.33 27.07 1.02
N GLU A 276 11.85 28.25 0.66
CA GLU A 276 12.38 29.48 1.22
C GLU A 276 11.12 30.22 1.70
N PHE A 277 11.09 30.56 2.98
CA PHE A 277 9.96 31.29 3.55
C PHE A 277 10.41 32.72 3.88
N ARG A 278 9.63 33.71 3.44
CA ARG A 278 9.95 35.11 3.73
C ARG A 278 8.66 35.91 3.80
N ASN A 279 8.44 36.56 4.94
CA ASN A 279 7.23 37.36 5.15
C ASN A 279 5.92 36.69 4.75
N GLY A 280 5.74 35.44 5.15
CA GLY A 280 4.51 34.72 4.84
C GLY A 280 4.50 33.96 3.53
N GLU A 281 5.47 34.23 2.65
CA GLU A 281 5.49 33.52 1.38
C GLU A 281 6.34 32.26 1.43
N MET A 282 5.73 31.12 1.10
CA MET A 282 6.41 29.82 1.08
C MET A 282 6.70 29.52 -0.37
N LYS A 283 7.97 29.55 -0.76
CA LYS A 283 8.32 29.29 -2.14
C LYS A 283 9.17 28.04 -2.27
N MET A 284 8.77 27.14 -3.16
CA MET A 284 9.56 25.93 -3.38
C MET A 284 10.70 26.29 -4.33
N VAL A 285 11.92 26.06 -3.89
CA VAL A 285 13.12 26.38 -4.67
C VAL A 285 13.70 25.16 -5.38
N ASN A 286 13.46 23.96 -4.87
CA ASN A 286 13.97 22.77 -5.54
C ASN A 286 13.17 21.58 -5.07
N TYR A 287 13.07 20.59 -5.94
CA TYR A 287 12.40 19.35 -5.56
C TYR A 287 13.08 18.20 -6.26
N GLN A 288 13.27 17.11 -5.54
CA GLN A 288 13.82 15.92 -6.17
C GLN A 288 13.41 14.68 -5.39
N LEU A 289 13.48 13.53 -6.04
CA LEU A 289 13.25 12.25 -5.36
C LEU A 289 14.67 11.68 -5.30
N ILE A 290 15.16 11.36 -4.09
CA ILE A 290 16.51 10.84 -3.94
C ILE A 290 16.39 9.34 -3.74
N PRO A 291 16.84 8.56 -4.72
CA PRO A 291 16.77 7.10 -4.60
C PRO A 291 17.60 6.56 -3.44
N VAL A 292 17.13 5.48 -2.80
CA VAL A 292 17.91 4.89 -1.73
C VAL A 292 18.45 3.57 -2.28
N ASN A 293 19.60 3.68 -2.95
CA ASN A 293 20.25 2.51 -3.53
C ASN A 293 19.41 1.72 -4.49
N LEU A 294 18.62 2.42 -5.33
CA LEU A 294 17.84 1.70 -6.30
C LEU A 294 18.81 1.25 -7.41
N LYS A 295 18.53 0.09 -7.98
CA LYS A 295 19.38 -0.47 -9.03
C LYS A 295 18.60 -0.87 -10.27
N LYS A 296 19.26 -0.63 -11.42
CA LYS A 296 18.75 -0.96 -12.77
C LYS A 296 19.27 -2.40 -12.99
N LYS A 297 18.39 -3.34 -13.30
CA LYS A 297 18.78 -4.74 -13.39
C LYS A 297 20.24 -4.99 -12.89
N ARG A 298 20.40 -4.49 -11.66
CA ARG A 298 21.57 -4.55 -10.75
C ARG A 298 22.78 -3.59 -10.65
N VAL A 299 22.63 -2.40 -11.18
CA VAL A 299 23.68 -1.40 -11.03
C VAL A 299 23.00 -0.12 -10.48
N LEU A 300 23.69 0.59 -9.61
CA LEU A 300 23.12 1.80 -9.00
C LEU A 300 22.87 3.01 -9.89
N TYR A 301 21.67 3.57 -9.79
CA TYR A 301 21.32 4.77 -10.55
C TYR A 301 22.04 6.01 -10.03
N THR A 302 22.34 6.06 -8.73
CA THR A 302 22.95 7.21 -8.10
C THR A 302 24.04 6.71 -7.16
N PRO A 303 24.76 7.60 -6.49
CA PRO A 303 25.83 7.15 -5.59
C PRO A 303 25.36 6.19 -4.50
N GLU A 304 26.13 5.14 -4.28
CA GLU A 304 25.79 4.18 -3.23
C GLU A 304 25.71 4.89 -1.89
N ILE A 305 24.71 4.51 -1.08
CA ILE A 305 24.56 5.09 0.24
C ILE A 305 24.87 3.97 1.22
N ALA A 306 25.87 4.17 2.08
CA ALA A 306 26.23 3.11 3.01
C ALA A 306 25.14 2.88 4.03
N GLU A 307 25.05 1.65 4.55
CA GLU A 307 24.06 1.35 5.57
C GLU A 307 24.61 1.78 6.94
N ASN A 308 23.84 2.61 7.63
CA ASN A 308 24.20 3.12 8.96
C ASN A 308 24.36 1.94 9.90
N GLN A 309 25.50 1.87 10.61
CA GLN A 309 25.72 0.73 11.50
C GLN A 309 24.77 0.71 12.68
N GLN A 310 24.47 1.86 13.26
CA GLN A 310 23.55 1.86 14.38
C GLN A 310 22.22 1.25 13.94
N MET A 311 21.76 1.60 12.75
CA MET A 311 20.49 1.02 12.28
C MET A 311 20.63 -0.48 12.06
N ILE A 312 21.74 -0.93 11.48
CA ILE A 312 21.89 -2.38 11.27
C ILE A 312 21.86 -3.12 12.61
N SER A 313 22.49 -2.54 13.62
CA SER A 313 22.49 -3.18 14.94
C SER A 313 21.12 -3.16 15.59
N LEU A 314 20.35 -2.12 15.31
CA LEU A 314 19.00 -2.03 15.86
C LEU A 314 18.06 -3.01 15.18
N LEU A 315 18.16 -3.08 13.86
CA LEU A 315 17.23 -3.91 13.08
C LEU A 315 17.55 -5.36 12.92
N SER A 316 18.85 -5.70 12.98
CA SER A 316 19.26 -7.09 12.80
C SER A 316 18.53 -8.12 13.62
N PRO A 317 18.33 -7.87 14.93
CA PRO A 317 17.62 -8.88 15.75
C PRO A 317 16.19 -9.13 15.24
N PHE A 318 15.56 -8.08 14.73
CA PHE A 318 14.22 -8.21 14.21
C PHE A 318 14.25 -8.98 12.90
N GLN A 319 15.25 -8.69 12.06
CA GLN A 319 15.36 -9.42 10.81
C GLN A 319 15.60 -10.91 11.10
N ASN A 320 16.53 -11.17 12.01
CA ASN A 320 16.86 -12.57 12.34
C ASN A 320 15.71 -13.30 12.99
N LYS A 321 15.01 -12.62 13.89
CA LYS A 321 13.89 -13.24 14.57
C LYS A 321 12.75 -13.49 13.57
N GLY A 322 12.54 -12.54 12.67
CA GLY A 322 11.48 -12.72 11.66
C GLY A 322 11.82 -13.88 10.72
N LYS A 323 13.07 -13.97 10.30
CA LYS A 323 13.46 -15.06 9.40
C LYS A 323 13.28 -16.40 10.08
N ALA A 324 13.69 -16.49 11.34
CA ALA A 324 13.56 -17.75 12.08
C ALA A 324 12.08 -18.12 12.23
N GLN A 325 11.21 -17.13 12.37
CA GLN A 325 9.79 -17.42 12.54
C GLN A 325 9.16 -18.03 11.29
N LEU A 326 9.81 -17.86 10.14
CA LEU A 326 9.25 -18.42 8.91
C LEU A 326 9.21 -19.94 8.97
N GLU A 327 10.04 -20.53 9.84
CA GLU A 327 10.09 -21.99 9.94
C GLU A 327 8.99 -22.55 10.85
N VAL A 328 8.38 -21.69 11.64
CA VAL A 328 7.39 -22.11 12.62
C VAL A 328 6.07 -22.58 12.03
N LYS A 329 5.54 -23.63 12.63
CA LYS A 329 4.26 -24.16 12.17
C LYS A 329 3.15 -23.12 12.29
N ILE A 330 2.45 -22.87 11.18
CA ILE A 330 1.32 -21.94 11.15
C ILE A 330 0.01 -22.71 11.02
N GLY A 331 0.11 -23.99 10.67
CA GLY A 331 -1.11 -24.75 10.51
C GLY A 331 -0.80 -26.17 10.07
N GLU A 332 -1.85 -26.88 9.66
CA GLU A 332 -1.65 -28.26 9.23
C GLU A 332 -2.78 -28.67 8.30
N THR A 333 -2.50 -29.67 7.48
CA THR A 333 -3.48 -30.15 6.53
C THR A 333 -3.52 -31.66 6.60
N ASN A 334 -4.69 -32.23 6.34
CA ASN A 334 -4.85 -33.68 6.39
C ASN A 334 -4.64 -34.35 5.03
N GLY A 335 -4.16 -33.59 4.06
CA GLY A 335 -3.90 -34.13 2.76
C GLY A 335 -3.02 -33.21 1.94
N ARG A 336 -2.35 -33.79 0.95
CA ARG A 336 -1.48 -33.01 0.08
C ARG A 336 -2.27 -31.97 -0.71
N LEU A 337 -1.75 -30.73 -0.70
CA LEU A 337 -2.34 -29.61 -1.44
C LEU A 337 -1.56 -29.61 -2.73
N GLU A 338 -2.26 -29.94 -3.82
CA GLU A 338 -1.68 -30.09 -5.13
C GLU A 338 -1.40 -28.78 -5.85
N GLY A 339 -0.11 -28.47 -5.96
CA GLY A 339 0.34 -27.27 -6.64
C GLY A 339 1.35 -27.59 -7.73
N ASP A 340 1.51 -28.86 -8.07
CA ASP A 340 2.47 -29.23 -9.11
C ASP A 340 2.07 -28.69 -10.48
N ARG A 341 3.07 -28.22 -11.21
CA ARG A 341 2.90 -27.66 -12.53
C ARG A 341 2.04 -28.47 -13.47
N ASP A 342 2.30 -29.77 -13.56
CA ASP A 342 1.52 -30.56 -14.51
C ASP A 342 0.11 -30.90 -14.04
N LYS A 343 -0.30 -30.36 -12.89
CA LYS A 343 -1.67 -30.52 -12.44
C LYS A 343 -2.34 -29.15 -12.51
N VAL A 344 -1.71 -28.14 -11.91
CA VAL A 344 -2.35 -26.80 -11.86
C VAL A 344 -2.48 -26.12 -13.21
N ARG A 345 -1.74 -26.60 -14.21
CA ARG A 345 -1.86 -26.02 -15.54
C ARG A 345 -2.77 -26.87 -16.44
N PHE A 346 -3.42 -27.86 -15.85
CA PHE A 346 -4.33 -28.75 -16.57
C PHE A 346 -5.73 -28.88 -15.98
N VAL A 347 -5.83 -28.88 -14.66
CA VAL A 347 -7.13 -29.02 -14.03
C VAL A 347 -7.20 -28.15 -12.78
N GLN A 348 -8.42 -27.95 -12.28
CA GLN A 348 -8.62 -27.23 -11.02
C GLN A 348 -8.03 -28.11 -9.91
N THR A 349 -7.34 -27.51 -8.95
CA THR A 349 -6.79 -28.31 -7.84
C THR A 349 -7.16 -27.73 -6.50
N ASN A 350 -6.98 -28.53 -5.47
CA ASN A 350 -7.30 -28.05 -4.13
C ASN A 350 -6.39 -26.88 -3.69
N MET A 351 -5.16 -26.80 -4.21
CA MET A 351 -4.31 -25.67 -3.83
C MET A 351 -4.89 -24.42 -4.47
N GLY A 352 -5.39 -24.58 -5.69
CA GLY A 352 -6.00 -23.42 -6.34
C GLY A 352 -7.19 -22.95 -5.52
N ARG A 353 -8.00 -23.89 -5.07
CA ARG A 353 -9.20 -23.54 -4.30
C ARG A 353 -8.85 -22.92 -2.96
N LEU A 354 -7.79 -23.40 -2.34
CA LEU A 354 -7.39 -22.87 -1.04
C LEU A 354 -6.86 -21.42 -1.21
N ILE A 355 -5.98 -21.22 -2.18
CA ILE A 355 -5.43 -19.87 -2.42
C ILE A 355 -6.57 -18.92 -2.72
N LEU A 356 -7.46 -19.31 -3.61
CA LEU A 356 -8.57 -18.44 -3.97
C LEU A 356 -9.54 -18.22 -2.82
N ALA A 357 -9.76 -19.23 -1.97
CA ALA A 357 -10.62 -19.06 -0.82
C ALA A 357 -9.97 -17.99 0.09
N ALA A 358 -8.66 -18.05 0.23
CA ALA A 358 -7.98 -17.06 1.08
C ALA A 358 -8.14 -15.66 0.49
N GLN A 359 -8.01 -15.55 -0.83
CA GLN A 359 -8.13 -14.26 -1.46
C GLN A 359 -9.56 -13.72 -1.37
N MET A 360 -10.55 -14.58 -1.53
CA MET A 360 -11.93 -14.12 -1.44
C MET A 360 -12.22 -13.66 -0.03
N ASP A 361 -11.71 -14.40 0.96
CA ASP A 361 -11.95 -14.07 2.37
C ASP A 361 -11.34 -12.70 2.70
N ARG A 362 -10.15 -12.43 2.18
CA ARG A 362 -9.51 -11.13 2.49
C ARG A 362 -10.19 -9.95 1.85
N THR A 363 -10.73 -10.16 0.65
CA THR A 363 -11.33 -9.08 -0.13
C THR A 363 -12.84 -8.94 -0.09
N GLY A 364 -13.52 -9.94 0.45
CA GLY A 364 -14.98 -9.94 0.47
C GLY A 364 -15.50 -10.30 -0.91
N ALA A 365 -14.68 -10.98 -1.71
CA ALA A 365 -15.08 -11.33 -3.08
C ALA A 365 -16.10 -12.49 -3.16
N ASP A 366 -16.85 -12.50 -4.25
CA ASP A 366 -17.84 -13.55 -4.52
C ASP A 366 -17.26 -14.73 -5.29
N PHE A 367 -16.23 -14.47 -6.10
CA PHE A 367 -15.56 -15.50 -6.85
C PHE A 367 -14.13 -15.04 -7.12
N ALA A 368 -13.32 -15.90 -7.69
CA ALA A 368 -11.95 -15.51 -7.89
C ALA A 368 -11.32 -16.34 -8.97
N VAL A 369 -10.20 -15.86 -9.51
CA VAL A 369 -9.46 -16.60 -10.55
C VAL A 369 -8.01 -16.22 -10.43
N MET A 370 -7.14 -17.13 -10.87
CA MET A 370 -5.71 -16.83 -10.93
C MET A 370 -5.19 -17.82 -11.96
N SER A 371 -3.99 -17.53 -12.48
CA SER A 371 -3.32 -18.39 -13.46
C SER A 371 -2.73 -19.58 -12.73
N GLY A 372 -2.86 -20.77 -13.30
CA GLY A 372 -2.26 -21.94 -12.68
C GLY A 372 -0.75 -21.77 -12.60
N GLY A 373 -0.20 -21.01 -13.54
CA GLY A 373 1.23 -20.80 -13.57
C GLY A 373 1.70 -20.01 -12.36
N GLY A 374 0.74 -19.45 -11.63
CA GLY A 374 1.06 -18.68 -10.43
C GLY A 374 1.23 -19.57 -9.18
N ILE A 375 0.86 -20.85 -9.30
CA ILE A 375 0.99 -21.79 -8.18
C ILE A 375 2.32 -22.52 -8.43
N ARG A 376 3.26 -22.33 -7.52
CA ARG A 376 4.62 -22.81 -7.71
C ARG A 376 5.13 -23.98 -6.90
N ASP A 377 4.26 -24.54 -6.07
CA ASP A 377 4.65 -25.70 -5.28
C ASP A 377 3.45 -26.33 -4.60
N SER A 378 3.65 -27.56 -4.16
CA SER A 378 2.60 -28.25 -3.41
C SER A 378 2.98 -28.15 -1.94
N ILE A 379 2.09 -28.63 -1.08
CA ILE A 379 2.37 -28.67 0.35
C ILE A 379 1.96 -30.08 0.77
N GLU A 380 2.89 -30.85 1.30
CA GLU A 380 2.57 -32.21 1.68
C GLU A 380 1.64 -32.27 2.88
N ALA A 381 0.94 -33.38 3.06
CA ALA A 381 0.09 -33.50 4.24
C ALA A 381 0.96 -33.35 5.49
N GLY A 382 0.48 -32.59 6.46
CA GLY A 382 1.25 -32.42 7.67
C GLY A 382 1.29 -30.96 8.06
N ASP A 383 2.35 -30.58 8.77
CA ASP A 383 2.51 -29.22 9.25
C ASP A 383 2.90 -28.28 8.12
N ILE A 384 2.45 -27.04 8.26
CA ILE A 384 2.70 -25.99 7.27
C ILE A 384 3.38 -24.81 7.94
N SER A 385 4.44 -24.31 7.31
CA SER A 385 5.17 -23.15 7.83
C SER A 385 5.00 -22.00 6.84
N TYR A 386 5.40 -20.79 7.25
CA TYR A 386 5.30 -19.65 6.33
C TYR A 386 6.28 -19.95 5.19
N LYS A 387 7.42 -20.56 5.52
CA LYS A 387 8.39 -20.89 4.50
C LYS A 387 7.73 -21.73 3.39
N ASN A 388 6.91 -22.71 3.78
CA ASN A 388 6.21 -23.56 2.82
C ASN A 388 5.33 -22.68 1.93
N VAL A 389 4.60 -21.78 2.57
CA VAL A 389 3.70 -20.89 1.83
C VAL A 389 4.44 -20.02 0.83
N LEU A 390 5.59 -19.48 1.23
CA LEU A 390 6.38 -18.66 0.30
C LEU A 390 6.91 -19.42 -0.91
N LYS A 391 7.04 -20.74 -0.83
CA LYS A 391 7.50 -21.48 -2.00
C LYS A 391 6.30 -21.67 -2.96
N VAL A 392 5.12 -21.82 -2.39
CA VAL A 392 3.92 -21.95 -3.21
C VAL A 392 3.63 -20.61 -3.92
N GLN A 393 3.85 -19.49 -3.21
CA GLN A 393 3.57 -18.15 -3.73
C GLN A 393 4.83 -17.33 -3.53
N PRO A 394 5.78 -17.42 -4.47
CA PRO A 394 7.05 -16.74 -4.38
C PRO A 394 7.24 -15.42 -5.10
N PHE A 395 6.27 -15.02 -5.91
CA PHE A 395 6.44 -13.85 -6.72
C PHE A 395 6.10 -12.49 -6.18
N GLY A 396 5.54 -12.46 -4.97
CA GLY A 396 5.19 -11.18 -4.38
C GLY A 396 4.04 -10.46 -5.06
N ASN A 397 3.12 -11.22 -5.67
CA ASN A 397 1.97 -10.57 -6.29
C ASN A 397 1.10 -10.01 -5.18
N VAL A 398 0.29 -9.05 -5.55
CA VAL A 398 -0.63 -8.39 -4.64
C VAL A 398 -2.04 -8.80 -4.92
N VAL A 399 -2.80 -9.03 -3.86
CA VAL A 399 -4.18 -9.44 -4.04
C VAL A 399 -5.00 -8.21 -4.37
N VAL A 400 -5.82 -8.33 -5.40
CA VAL A 400 -6.65 -7.21 -5.82
C VAL A 400 -8.07 -7.70 -6.07
N TYR A 401 -8.99 -6.77 -6.25
CA TYR A 401 -10.35 -7.19 -6.57
C TYR A 401 -11.02 -6.18 -7.48
N ALA A 402 -12.06 -6.63 -8.15
CA ALA A 402 -12.80 -5.77 -9.04
C ALA A 402 -14.29 -5.98 -8.83
N ASP A 403 -15.03 -4.89 -8.74
CA ASP A 403 -16.48 -5.01 -8.62
C ASP A 403 -16.96 -4.86 -10.06
N MET A 404 -17.70 -5.85 -10.54
CA MET A 404 -18.14 -5.81 -11.94
C MET A 404 -19.59 -6.18 -12.13
N THR A 405 -20.17 -5.79 -13.27
CA THR A 405 -21.56 -6.13 -13.49
C THR A 405 -21.62 -7.59 -13.93
N GLY A 406 -22.80 -8.19 -13.85
CA GLY A 406 -22.95 -9.57 -14.28
C GLY A 406 -22.51 -9.73 -15.72
N LYS A 407 -22.83 -8.75 -16.59
CA LYS A 407 -22.41 -8.85 -17.99
C LYS A 407 -20.88 -8.82 -18.08
N GLU A 408 -20.24 -8.02 -17.26
CA GLU A 408 -18.78 -7.96 -17.30
C GLU A 408 -18.20 -9.28 -16.82
N VAL A 409 -18.88 -9.92 -15.87
CA VAL A 409 -18.43 -11.21 -15.33
C VAL A 409 -18.50 -12.24 -16.45
N ILE A 410 -19.59 -12.22 -17.19
CA ILE A 410 -19.76 -13.17 -18.29
C ILE A 410 -18.64 -13.00 -19.32
N ASP A 411 -18.38 -11.76 -19.72
CA ASP A 411 -17.36 -11.51 -20.71
C ASP A 411 -15.99 -11.86 -20.20
N TYR A 412 -15.74 -11.54 -18.94
CA TYR A 412 -14.43 -11.81 -18.37
C TYR A 412 -14.16 -13.32 -18.27
N LEU A 413 -15.09 -14.03 -17.65
CA LEU A 413 -14.92 -15.47 -17.47
C LEU A 413 -14.87 -16.19 -18.81
N THR A 414 -15.67 -15.73 -19.76
CA THR A 414 -15.65 -16.35 -21.08
C THR A 414 -14.28 -16.17 -21.70
N ALA A 415 -13.67 -14.99 -21.55
CA ALA A 415 -12.35 -14.78 -22.10
C ALA A 415 -11.27 -15.62 -21.40
N VAL A 416 -11.34 -15.66 -20.08
CA VAL A 416 -10.35 -16.42 -19.33
C VAL A 416 -10.46 -17.92 -19.59
N ALA A 417 -11.68 -18.40 -19.77
CA ALA A 417 -11.88 -19.83 -20.03
C ALA A 417 -11.29 -20.26 -21.38
N GLN A 418 -10.84 -19.31 -22.20
CA GLN A 418 -10.26 -19.67 -23.50
C GLN A 418 -8.81 -20.05 -23.34
N MET A 419 -8.24 -19.78 -22.16
CA MET A 419 -6.84 -20.12 -21.93
C MET A 419 -6.80 -21.63 -21.78
N LYS A 420 -6.01 -22.27 -22.63
CA LYS A 420 -5.93 -23.71 -22.66
C LYS A 420 -5.08 -24.41 -21.61
N PRO A 421 -5.41 -25.67 -21.34
CA PRO A 421 -4.62 -26.44 -20.37
C PRO A 421 -3.23 -26.54 -21.01
N ASP A 422 -2.26 -26.96 -20.20
CA ASP A 422 -0.88 -27.09 -20.62
C ASP A 422 -0.23 -25.74 -20.93
N SER A 423 -0.62 -24.71 -20.16
CA SER A 423 -0.02 -23.39 -20.31
C SER A 423 -0.16 -22.76 -18.93
N GLY A 424 0.76 -21.85 -18.64
CA GLY A 424 0.71 -21.15 -17.37
C GLY A 424 -0.55 -20.33 -17.23
N ALA A 425 -1.17 -19.97 -18.36
CA ALA A 425 -2.37 -19.16 -18.34
C ALA A 425 -3.65 -19.94 -18.01
N TYR A 426 -3.57 -21.27 -17.95
CA TYR A 426 -4.75 -22.06 -17.63
C TYR A 426 -5.30 -21.53 -16.30
N PRO A 427 -6.58 -21.19 -16.25
CA PRO A 427 -7.17 -20.64 -15.02
C PRO A 427 -7.61 -21.56 -13.92
N GLN A 428 -7.36 -21.13 -12.69
CA GLN A 428 -7.86 -21.79 -11.50
C GLN A 428 -8.98 -20.86 -11.09
N PHE A 429 -10.15 -21.43 -10.88
CA PHE A 429 -11.34 -20.67 -10.47
C PHE A 429 -11.84 -21.09 -9.11
N ALA A 430 -12.56 -20.21 -8.44
CA ALA A 430 -13.23 -20.56 -7.18
C ALA A 430 -14.63 -19.92 -7.26
N ASN A 431 -15.66 -20.67 -6.84
CA ASN A 431 -17.07 -20.23 -6.85
C ASN A 431 -17.67 -19.99 -8.24
N VAL A 432 -17.04 -20.58 -9.26
CA VAL A 432 -17.49 -20.47 -10.64
C VAL A 432 -17.85 -21.86 -11.16
N SER A 433 -19.00 -21.99 -11.83
CA SER A 433 -19.30 -23.29 -12.42
C SER A 433 -19.82 -23.03 -13.83
N PHE A 434 -19.55 -23.95 -14.74
CA PHE A 434 -19.99 -23.82 -16.14
C PHE A 434 -19.56 -25.02 -16.94
N VAL A 435 -20.07 -25.10 -18.16
CA VAL A 435 -19.64 -26.14 -19.09
C VAL A 435 -19.29 -25.30 -20.28
N ALA A 436 -18.03 -25.32 -20.66
CA ALA A 436 -17.56 -24.55 -21.80
C ALA A 436 -17.75 -25.39 -23.04
N LYS A 437 -18.34 -24.78 -24.06
CA LYS A 437 -18.58 -25.48 -25.32
C LYS A 437 -18.49 -24.47 -26.44
N ASP A 438 -17.65 -24.77 -27.43
CA ASP A 438 -17.48 -23.89 -28.58
C ASP A 438 -17.23 -22.42 -28.24
N GLY A 439 -16.34 -22.18 -27.28
CA GLY A 439 -16.01 -20.81 -26.91
C GLY A 439 -17.03 -20.06 -26.08
N LYS A 440 -18.11 -20.74 -25.70
CA LYS A 440 -19.16 -20.14 -24.91
C LYS A 440 -19.23 -20.82 -23.56
N LEU A 441 -19.78 -20.14 -22.56
CA LEU A 441 -19.90 -20.74 -21.24
C LEU A 441 -21.37 -21.01 -21.00
N ASN A 442 -21.72 -22.28 -20.90
CA ASN A 442 -23.10 -22.64 -20.66
C ASN A 442 -23.36 -22.83 -19.17
N ASP A 443 -24.59 -22.51 -18.77
CA ASP A 443 -25.00 -22.67 -17.38
C ASP A 443 -24.02 -22.03 -16.42
N LEU A 444 -23.53 -20.85 -16.77
CA LEU A 444 -22.58 -20.14 -15.92
C LEU A 444 -23.23 -19.74 -14.61
N LYS A 445 -22.56 -20.07 -13.51
CA LYS A 445 -23.04 -19.75 -12.19
C LYS A 445 -21.92 -19.27 -11.28
N ILE A 446 -22.29 -18.39 -10.34
CA ILE A 446 -21.40 -17.86 -9.32
C ILE A 446 -22.04 -18.28 -8.00
N LYS A 447 -21.30 -18.99 -7.17
CA LYS A 447 -21.81 -19.50 -5.90
C LYS A 447 -23.15 -20.23 -6.08
N GLY A 448 -23.22 -21.07 -7.10
CA GLY A 448 -24.40 -21.88 -7.34
C GLY A 448 -25.60 -21.15 -7.89
N GLU A 449 -25.44 -19.89 -8.29
CA GLU A 449 -26.55 -19.13 -8.82
C GLU A 449 -26.26 -18.61 -10.22
N PRO A 450 -27.24 -18.66 -11.13
CA PRO A 450 -26.91 -18.14 -12.45
C PRO A 450 -26.50 -16.68 -12.36
N VAL A 451 -25.60 -16.26 -13.24
CA VAL A 451 -25.14 -14.88 -13.24
C VAL A 451 -26.25 -13.98 -13.72
N ASP A 452 -26.47 -12.90 -12.98
CA ASP A 452 -27.51 -11.90 -13.29
C ASP A 452 -26.78 -10.68 -13.88
N PRO A 453 -26.99 -10.38 -15.17
CA PRO A 453 -26.30 -9.22 -15.73
C PRO A 453 -26.53 -7.91 -14.99
N ALA A 454 -27.63 -7.82 -14.25
CA ALA A 454 -28.00 -6.62 -13.51
C ALA A 454 -27.41 -6.53 -12.12
N LYS A 455 -26.76 -7.61 -11.69
CA LYS A 455 -26.19 -7.62 -10.37
C LYS A 455 -24.72 -7.25 -10.40
N THR A 456 -24.18 -6.98 -9.22
CA THR A 456 -22.79 -6.62 -9.05
C THR A 456 -22.10 -7.78 -8.39
N TYR A 457 -20.90 -8.12 -8.88
CA TYR A 457 -20.13 -9.20 -8.30
C TYR A 457 -18.72 -8.71 -8.02
N ARG A 458 -18.12 -9.20 -6.95
CA ARG A 458 -16.75 -8.82 -6.65
C ARG A 458 -15.85 -10.02 -6.96
N MET A 459 -14.82 -9.81 -7.77
CA MET A 459 -13.92 -10.89 -8.11
C MET A 459 -12.53 -10.61 -7.54
N ALA A 460 -11.89 -11.61 -6.93
CA ALA A 460 -10.54 -11.43 -6.45
C ALA A 460 -9.58 -12.11 -7.42
N THR A 461 -8.37 -11.57 -7.50
CA THR A 461 -7.31 -12.15 -8.30
C THR A 461 -6.01 -11.47 -7.88
N LEU A 462 -4.96 -11.65 -8.67
CA LEU A 462 -3.69 -11.00 -8.37
C LEU A 462 -3.46 -9.86 -9.32
N ASN A 463 -2.64 -8.90 -8.89
CA ASN A 463 -2.34 -7.77 -9.76
C ASN A 463 -1.73 -8.26 -11.07
N PHE A 464 -0.92 -9.32 -10.99
CA PHE A 464 -0.31 -9.88 -12.19
C PHE A 464 -1.35 -10.14 -13.26
N ASN A 465 -2.45 -10.81 -12.89
CA ASN A 465 -3.49 -11.10 -13.86
C ASN A 465 -4.33 -9.90 -14.19
N ALA A 466 -4.65 -9.12 -13.17
CA ALA A 466 -5.49 -7.94 -13.37
C ALA A 466 -4.90 -6.92 -14.34
N THR A 467 -3.58 -6.88 -14.42
CA THR A 467 -2.91 -5.92 -15.31
C THR A 467 -2.61 -6.52 -16.67
N GLY A 468 -3.18 -7.69 -16.94
CA GLY A 468 -2.97 -8.30 -18.24
C GLY A 468 -2.01 -9.48 -18.31
N GLY A 469 -1.48 -9.87 -17.15
CA GLY A 469 -0.57 -11.01 -17.12
C GLY A 469 -1.23 -12.23 -17.74
N ASP A 470 -0.42 -13.03 -18.44
CA ASP A 470 -0.89 -14.23 -19.12
C ASP A 470 -2.02 -13.97 -20.09
N GLY A 471 -2.08 -12.73 -20.59
CA GLY A 471 -3.10 -12.36 -21.54
C GLY A 471 -4.51 -12.22 -21.00
N TYR A 472 -4.66 -12.14 -19.67
CA TYR A 472 -5.96 -12.00 -19.07
C TYR A 472 -6.51 -10.59 -19.36
N PRO A 473 -7.84 -10.44 -19.38
CA PRO A 473 -8.39 -9.11 -19.66
C PRO A 473 -8.00 -8.14 -18.56
N ARG A 474 -7.60 -6.93 -18.96
CA ARG A 474 -7.20 -5.95 -17.96
C ARG A 474 -8.36 -5.49 -17.11
N LEU A 475 -8.08 -5.37 -15.81
CA LEU A 475 -9.11 -4.91 -14.87
C LEU A 475 -8.62 -3.69 -14.13
N ASP A 476 -7.31 -3.44 -14.18
CA ASP A 476 -6.72 -2.34 -13.41
C ASP A 476 -7.10 -0.95 -13.89
N ASN A 477 -7.53 -0.88 -15.15
CA ASN A 477 -7.91 0.40 -15.74
C ASN A 477 -9.43 0.53 -15.87
N LYS A 478 -10.17 -0.25 -15.08
CA LYS A 478 -11.62 -0.21 -15.10
C LYS A 478 -12.12 0.31 -13.76
N PRO A 479 -13.29 0.97 -13.73
CA PRO A 479 -13.73 1.45 -12.41
C PRO A 479 -14.12 0.28 -11.52
N GLY A 480 -13.94 0.46 -10.22
CA GLY A 480 -14.30 -0.60 -9.29
C GLY A 480 -13.15 -1.48 -8.93
N TYR A 481 -11.98 -1.19 -9.51
CA TYR A 481 -10.78 -1.95 -9.24
C TYR A 481 -10.13 -1.46 -7.96
N VAL A 482 -9.67 -2.40 -7.14
CA VAL A 482 -8.94 -2.04 -5.93
C VAL A 482 -7.72 -2.92 -5.73
N ASN A 483 -6.54 -2.30 -5.65
CA ASN A 483 -5.30 -3.03 -5.35
C ASN A 483 -5.25 -2.92 -3.82
N THR A 484 -5.31 -4.05 -3.12
CA THR A 484 -5.36 -4.00 -1.65
C THR A 484 -4.04 -3.82 -0.95
N GLY A 485 -2.94 -4.07 -1.63
CA GLY A 485 -1.63 -3.95 -1.00
C GLY A 485 -1.25 -5.19 -0.19
N PHE A 486 -2.13 -6.19 -0.15
CA PHE A 486 -1.83 -7.40 0.60
C PHE A 486 -1.09 -8.37 -0.31
N ILE A 487 0.03 -8.88 0.18
CA ILE A 487 0.85 -9.79 -0.59
C ILE A 487 0.23 -11.18 -0.60
N ASP A 488 0.23 -11.79 -1.78
CA ASP A 488 -0.35 -13.13 -1.92
C ASP A 488 0.03 -14.13 -0.82
N ALA A 489 1.32 -14.21 -0.53
CA ALA A 489 1.79 -15.16 0.48
C ALA A 489 1.25 -14.87 1.89
N GLU A 490 1.16 -13.60 2.24
CA GLU A 490 0.65 -13.21 3.54
C GLU A 490 -0.83 -13.58 3.63
N VAL A 491 -1.57 -13.34 2.55
CA VAL A 491 -2.98 -13.68 2.54
C VAL A 491 -3.16 -15.20 2.71
N LEU A 492 -2.38 -15.99 1.98
CA LEU A 492 -2.49 -17.44 2.12
C LEU A 492 -2.06 -17.90 3.51
N LYS A 493 -0.96 -17.36 3.99
CA LYS A 493 -0.48 -17.79 5.32
C LYS A 493 -1.49 -17.47 6.41
N ALA A 494 -2.02 -16.24 6.41
CA ALA A 494 -2.97 -15.85 7.45
C ALA A 494 -4.26 -16.68 7.38
N TYR A 495 -4.69 -17.00 6.16
CA TYR A 495 -5.90 -17.82 6.02
C TYR A 495 -5.67 -19.25 6.52
N ILE A 496 -4.56 -19.85 6.15
CA ILE A 496 -4.24 -21.19 6.64
C ILE A 496 -4.15 -21.15 8.17
N GLN A 497 -3.50 -20.13 8.72
CA GLN A 497 -3.34 -20.11 10.17
C GLN A 497 -4.66 -20.01 10.91
N LYS A 498 -5.59 -19.20 10.43
CA LYS A 498 -6.85 -19.10 11.19
C LYS A 498 -7.80 -20.25 10.88
N SER A 499 -7.55 -20.92 9.77
CA SER A 499 -8.42 -22.02 9.34
C SER A 499 -7.97 -23.40 9.78
N SER A 500 -6.74 -23.49 10.24
CA SER A 500 -6.15 -24.76 10.66
C SER A 500 -6.79 -25.33 11.92
N PRO A 501 -6.86 -26.66 12.03
CA PRO A 501 -6.40 -27.68 11.07
C PRO A 501 -7.28 -27.67 9.84
N LEU A 502 -6.65 -27.71 8.67
CA LEU A 502 -7.40 -27.68 7.42
C LEU A 502 -7.87 -29.05 7.03
N ASP A 503 -9.15 -29.17 6.70
CA ASP A 503 -9.66 -30.44 6.19
C ASP A 503 -9.64 -30.16 4.69
N VAL A 504 -8.68 -30.71 3.98
CA VAL A 504 -8.57 -30.38 2.58
C VAL A 504 -9.67 -30.85 1.68
N SER A 505 -10.52 -31.76 2.17
CA SER A 505 -11.62 -32.23 1.36
C SER A 505 -12.57 -31.08 1.02
N VAL A 506 -12.55 -30.04 1.85
CA VAL A 506 -13.36 -28.86 1.64
C VAL A 506 -12.96 -28.06 0.39
N TYR A 507 -11.72 -28.27 -0.05
CA TYR A 507 -11.16 -27.57 -1.21
C TYR A 507 -11.04 -28.44 -2.45
N GLU A 508 -11.63 -29.64 -2.42
CA GLU A 508 -11.54 -30.54 -3.57
C GLU A 508 -12.54 -30.20 -4.66
N PRO A 509 -12.04 -29.96 -5.89
CA PRO A 509 -12.92 -29.64 -7.02
C PRO A 509 -13.86 -30.81 -7.28
N LYS A 510 -15.10 -30.51 -7.65
CA LYS A 510 -16.06 -31.56 -7.94
C LYS A 510 -16.66 -31.34 -9.35
N GLY A 511 -15.80 -30.99 -10.29
CA GLY A 511 -16.26 -30.77 -11.66
C GLY A 511 -17.06 -29.51 -11.91
N GLU A 512 -16.96 -28.54 -11.02
CA GLU A 512 -17.70 -27.28 -11.19
C GLU A 512 -17.49 -26.66 -12.57
N VAL A 513 -16.27 -26.69 -13.06
CA VAL A 513 -16.00 -26.18 -14.40
C VAL A 513 -15.51 -27.31 -15.29
N SER A 514 -15.87 -27.25 -16.57
CA SER A 514 -15.42 -28.26 -17.51
C SER A 514 -15.39 -27.68 -18.91
N TRP A 515 -14.55 -28.25 -19.76
CA TRP A 515 -14.37 -27.83 -21.15
C TRP A 515 -14.63 -29.00 -22.07
N GLN A 516 -15.39 -28.76 -23.13
CA GLN A 516 -15.66 -29.85 -24.07
C GLN A 516 -16.16 -29.39 -25.41
#